data_3SHR
#
_entry.id   3SHR
#
_cell.length_a   180.156
_cell.length_b   66.039
_cell.length_c   81.550
_cell.angle_alpha   90.00
_cell.angle_beta   113.84
_cell.angle_gamma   90.00
#
_symmetry.space_group_name_H-M   'C 1 2 1'
#
loop_
_entity.id
_entity.type
_entity.pdbx_description
1 polymer 'cGMP-dependent protein kinase 1'
2 non-polymer "ADENOSINE-3',5'-CYCLIC-MONOPHOSPHATE"
3 non-polymer 'SULFATE ION'
#
_entity_poly.entity_id   1
_entity_poly.type   'polypeptide(L)'
_entity_poly.pdbx_seq_one_letter_code
;MRGSHHHHHHGMASIEGRGSMQAFRKFTKSERSKDLIKEAILDNDFMKNLELSQIQEIVDCMYPVEYGKDSCIIKEGDVG
SLVYVMEDGKVEVTKEGVKLCTMGPGKVFGELAILYNCTRTATVKTLVNVKLWAIDRQCFQTIMMRTGLIKHTEYMEFLK
SVPTFQSLPEEILSKLADVLEETHYENGEYIIRQGARGDTFFIISKGKVNVTREDSPNEDPVFLRTLGKGDWFGEKALQG
EDVRTANVIAAEAVTCLVIDRDSFKHLIGGLDDVSNKAYEDAEAKAKYEAEAAFFANLK
;
_entity_poly.pdbx_strand_id   A,B
#
# COMPACT_ATOMS: atom_id res chain seq x y z
N GLN A 22 11.28 -17.27 -21.81
CA GLN A 22 12.58 -17.41 -22.53
C GLN A 22 13.22 -18.77 -22.23
N ALA A 23 14.48 -18.93 -22.65
CA ALA A 23 15.23 -20.16 -22.43
C ALA A 23 16.71 -19.94 -22.74
N PHE A 24 17.50 -21.01 -22.64
CA PHE A 24 18.94 -20.89 -22.90
C PHE A 24 19.41 -21.32 -24.27
N ARG A 25 20.57 -20.78 -24.63
CA ARG A 25 21.23 -21.04 -25.90
C ARG A 25 21.94 -22.40 -25.88
N LYS A 26 21.38 -23.37 -26.58
CA LYS A 26 21.95 -24.70 -26.64
C LYS A 26 23.14 -24.79 -27.60
N PHE A 27 24.21 -25.47 -27.18
CA PHE A 27 25.39 -25.66 -28.03
C PHE A 27 25.45 -27.12 -28.43
N THR A 28 24.95 -27.40 -29.65
CA THR A 28 24.90 -28.76 -30.18
C THR A 28 26.26 -29.41 -30.32
N LYS A 29 26.42 -30.54 -29.64
CA LYS A 29 27.69 -31.26 -29.67
C LYS A 29 27.53 -32.74 -29.99
N SER A 30 28.66 -33.41 -30.14
CA SER A 30 28.71 -34.84 -30.45
C SER A 30 28.18 -35.69 -29.31
N GLU A 31 27.52 -36.79 -29.68
CA GLU A 31 26.96 -37.72 -28.71
C GLU A 31 28.09 -38.20 -27.80
N ARG A 32 29.29 -38.34 -28.36
CA ARG A 32 30.45 -38.75 -27.59
C ARG A 32 30.64 -37.80 -26.41
N SER A 33 30.70 -36.51 -26.70
CA SER A 33 30.89 -35.46 -25.68
C SER A 33 29.70 -35.39 -24.72
N LYS A 34 28.49 -35.52 -25.27
CA LYS A 34 27.28 -35.47 -24.48
C LYS A 34 27.37 -36.53 -23.39
N ASP A 35 27.66 -37.77 -23.81
CA ASP A 35 27.78 -38.87 -22.86
C ASP A 35 28.86 -38.58 -21.83
N LEU A 36 30.00 -38.05 -22.30
CA LEU A 36 31.09 -37.75 -21.39
C LEU A 36 30.66 -36.74 -20.33
N ILE A 37 30.11 -35.61 -20.77
CA ILE A 37 29.66 -34.57 -19.86
C ILE A 37 28.71 -35.14 -18.83
N LYS A 38 27.82 -36.02 -19.29
CA LYS A 38 26.82 -36.62 -18.44
C LYS A 38 27.40 -37.54 -17.36
N GLU A 39 28.43 -38.30 -17.70
CA GLU A 39 29.05 -39.21 -16.73
C GLU A 39 29.76 -38.40 -15.66
N ALA A 40 30.45 -37.34 -16.08
CA ALA A 40 31.19 -36.48 -15.17
C ALA A 40 30.25 -35.85 -14.15
N ILE A 41 29.05 -35.51 -14.59
CA ILE A 41 28.09 -34.90 -13.67
C ILE A 41 27.61 -35.93 -12.66
N LEU A 42 27.20 -37.10 -13.16
CA LEU A 42 26.71 -38.17 -12.30
C LEU A 42 27.80 -38.66 -11.36
N ASP A 43 29.01 -38.20 -11.60
CA ASP A 43 30.13 -38.61 -10.78
C ASP A 43 30.57 -37.51 -9.83
N ASN A 44 29.84 -36.40 -9.81
CA ASN A 44 30.21 -35.28 -8.94
C ASN A 44 29.36 -35.20 -7.67
N ASP A 45 30.00 -35.26 -6.52
CA ASP A 45 29.27 -35.19 -5.26
C ASP A 45 28.12 -34.19 -5.26
N PHE A 46 28.39 -32.97 -5.70
CA PHE A 46 27.38 -31.92 -5.73
C PHE A 46 26.24 -32.08 -6.73
N MET A 47 26.58 -32.40 -7.97
CA MET A 47 25.56 -32.51 -9.01
C MET A 47 24.97 -33.88 -9.31
N LYS A 48 25.48 -34.94 -8.70
CA LYS A 48 24.96 -36.28 -8.99
C LYS A 48 23.49 -36.44 -8.59
N ASN A 49 22.96 -35.44 -7.89
CA ASN A 49 21.58 -35.49 -7.44
C ASN A 49 20.58 -34.88 -8.42
N LEU A 50 21.04 -33.94 -9.24
CA LEU A 50 20.17 -33.28 -10.20
C LEU A 50 19.27 -34.23 -10.99
N GLU A 51 18.10 -33.73 -11.38
CA GLU A 51 17.13 -34.51 -12.13
C GLU A 51 17.63 -34.63 -13.56
N LEU A 52 17.27 -35.70 -14.25
CA LEU A 52 17.71 -35.88 -15.63
C LEU A 52 17.50 -34.62 -16.46
N SER A 53 16.25 -34.15 -16.49
CA SER A 53 15.90 -32.96 -17.25
C SER A 53 16.93 -31.83 -17.03
N GLN A 54 17.38 -31.69 -15.79
CA GLN A 54 18.36 -30.68 -15.45
C GLN A 54 19.73 -31.05 -16.06
N ILE A 55 20.15 -32.29 -15.83
CA ILE A 55 21.41 -32.76 -16.35
C ILE A 55 21.48 -32.59 -17.87
N GLN A 56 20.41 -32.94 -18.58
CA GLN A 56 20.41 -32.79 -20.02
C GLN A 56 20.52 -31.31 -20.36
N GLU A 57 19.92 -30.46 -19.54
CA GLU A 57 19.99 -29.03 -19.79
C GLU A 57 21.43 -28.57 -19.69
N ILE A 58 22.06 -28.84 -18.56
CA ILE A 58 23.45 -28.45 -18.39
C ILE A 58 24.28 -29.01 -19.56
N VAL A 59 24.05 -30.26 -19.91
CA VAL A 59 24.78 -30.90 -21.00
C VAL A 59 24.64 -30.09 -22.29
N ASP A 60 23.45 -29.57 -22.55
CA ASP A 60 23.22 -28.78 -23.74
C ASP A 60 23.72 -27.35 -23.62
N CYS A 61 23.86 -26.82 -22.41
CA CYS A 61 24.31 -25.44 -22.26
C CYS A 61 25.83 -25.31 -22.47
N MET A 62 26.58 -26.25 -21.94
CA MET A 62 28.03 -26.20 -22.02
C MET A 62 28.64 -26.05 -23.40
N TYR A 63 29.62 -25.16 -23.48
CA TYR A 63 30.33 -24.89 -24.73
C TYR A 63 31.78 -25.22 -24.50
N PRO A 64 32.54 -25.41 -25.57
CA PRO A 64 33.96 -25.75 -25.46
C PRO A 64 34.89 -24.62 -25.08
N VAL A 65 35.87 -24.97 -24.26
CA VAL A 65 36.89 -24.03 -23.80
C VAL A 65 38.23 -24.76 -23.73
N GLU A 66 39.28 -24.11 -24.21
CA GLU A 66 40.63 -24.65 -24.20
C GLU A 66 41.60 -23.71 -23.48
N TYR A 67 42.58 -24.30 -22.80
CA TYR A 67 43.59 -23.54 -22.09
C TYR A 67 44.93 -24.15 -22.40
N GLY A 68 45.94 -23.31 -22.59
CA GLY A 68 47.26 -23.84 -22.87
C GLY A 68 47.90 -24.42 -21.63
N LYS A 69 49.00 -25.14 -21.84
CA LYS A 69 49.77 -25.74 -20.75
C LYS A 69 50.22 -24.66 -19.77
N ASP A 70 50.28 -25.01 -18.48
CA ASP A 70 50.72 -24.11 -17.41
C ASP A 70 49.94 -22.81 -17.35
N SER A 71 48.64 -22.93 -17.50
CA SER A 71 47.77 -21.76 -17.44
C SER A 71 46.91 -21.92 -16.23
N CYS A 72 46.70 -20.81 -15.53
CA CYS A 72 45.87 -20.83 -14.36
C CYS A 72 44.44 -20.63 -14.82
N ILE A 73 43.55 -21.53 -14.44
CA ILE A 73 42.13 -21.46 -14.82
C ILE A 73 41.30 -20.87 -13.68
N ILE A 74 41.48 -21.43 -12.50
CA ILE A 74 40.78 -20.98 -11.32
C ILE A 74 41.82 -20.69 -10.26
N LYS A 75 41.68 -19.55 -9.60
CA LYS A 75 42.60 -19.13 -8.56
C LYS A 75 41.79 -18.96 -7.31
N GLU A 76 42.23 -19.56 -6.21
CA GLU A 76 41.48 -19.42 -4.98
C GLU A 76 41.35 -17.95 -4.60
N GLY A 77 40.18 -17.58 -4.13
CA GLY A 77 39.92 -16.19 -3.78
C GLY A 77 39.07 -15.54 -4.86
N ASP A 78 39.30 -15.96 -6.10
CA ASP A 78 38.57 -15.43 -7.25
C ASP A 78 37.08 -15.47 -7.00
N VAL A 79 36.36 -14.58 -7.69
CA VAL A 79 34.90 -14.57 -7.63
C VAL A 79 34.66 -15.13 -9.03
N GLY A 80 34.17 -16.36 -9.11
CA GLY A 80 34.01 -16.95 -10.43
C GLY A 80 32.60 -17.31 -10.84
N SER A 81 32.43 -17.60 -12.12
CA SER A 81 31.12 -17.95 -12.62
C SER A 81 31.09 -19.25 -13.40
N LEU A 82 32.17 -19.59 -14.07
CA LEU A 82 32.20 -20.81 -14.88
C LEU A 82 32.41 -22.14 -14.13
N VAL A 83 31.66 -23.16 -14.54
CA VAL A 83 31.78 -24.49 -13.99
C VAL A 83 32.29 -25.31 -15.18
N TYR A 84 33.28 -26.18 -14.94
CA TYR A 84 33.89 -26.94 -16.01
C TYR A 84 33.79 -28.46 -15.93
N VAL A 85 33.99 -29.08 -17.08
CA VAL A 85 34.01 -30.53 -17.21
C VAL A 85 35.21 -30.82 -18.09
N MET A 86 36.18 -31.56 -17.57
CA MET A 86 37.37 -31.89 -18.35
C MET A 86 37.01 -32.89 -19.45
N GLU A 87 37.53 -32.67 -20.65
CA GLU A 87 37.27 -33.62 -21.71
C GLU A 87 38.61 -34.24 -22.08
N ASP A 88 39.65 -33.42 -22.05
CA ASP A 88 41.00 -33.86 -22.38
C ASP A 88 42.06 -33.07 -21.61
N GLY A 89 43.23 -33.68 -21.43
CA GLY A 89 44.32 -33.02 -20.71
C GLY A 89 44.34 -33.34 -19.23
N LYS A 90 45.13 -32.61 -18.47
CA LYS A 90 45.20 -32.87 -17.04
C LYS A 90 45.43 -31.59 -16.23
N VAL A 91 44.70 -31.46 -15.14
CA VAL A 91 44.87 -30.31 -14.27
C VAL A 91 45.36 -30.72 -12.88
N GLU A 92 45.74 -29.72 -12.10
CA GLU A 92 46.24 -29.95 -10.76
C GLU A 92 45.59 -28.97 -9.80
N VAL A 93 44.99 -29.50 -8.73
CA VAL A 93 44.33 -28.67 -7.73
C VAL A 93 45.24 -28.46 -6.52
N THR A 94 45.36 -27.21 -6.07
CA THR A 94 46.18 -26.89 -4.90
C THR A 94 45.44 -25.88 -4.01
N LYS A 95 45.59 -26.01 -2.69
CA LYS A 95 44.92 -25.09 -1.78
C LYS A 95 45.87 -24.53 -0.74
N GLU A 96 46.02 -23.21 -0.74
CA GLU A 96 46.90 -22.57 0.22
C GLU A 96 48.29 -23.15 0.00
N GLY A 97 48.62 -23.39 -1.27
CA GLY A 97 49.94 -23.92 -1.60
C GLY A 97 50.06 -25.44 -1.60
N VAL A 98 49.11 -26.11 -0.98
CA VAL A 98 49.15 -27.55 -0.87
C VAL A 98 48.55 -28.33 -2.05
N LYS A 99 49.41 -29.07 -2.76
CA LYS A 99 48.93 -29.88 -3.89
C LYS A 99 47.93 -30.84 -3.30
N LEU A 100 46.77 -30.96 -3.94
CA LEU A 100 45.74 -31.86 -3.45
C LEU A 100 45.57 -33.09 -4.33
N CYS A 101 45.59 -32.87 -5.64
CA CYS A 101 45.42 -33.97 -6.56
C CYS A 101 45.52 -33.43 -7.96
N THR A 102 45.48 -34.33 -8.92
CA THR A 102 45.51 -33.97 -10.33
C THR A 102 44.19 -34.53 -10.83
N MET A 103 43.65 -34.01 -11.92
CA MET A 103 42.39 -34.53 -12.45
C MET A 103 42.50 -34.69 -13.94
N GLY A 104 41.82 -35.69 -14.47
CA GLY A 104 41.87 -35.92 -15.90
C GLY A 104 40.48 -35.89 -16.49
N PRO A 105 40.33 -36.39 -17.72
CA PRO A 105 39.05 -36.44 -18.43
C PRO A 105 37.92 -36.99 -17.60
N GLY A 106 36.71 -36.49 -17.82
CA GLY A 106 35.55 -36.97 -17.10
C GLY A 106 35.30 -36.43 -15.72
N LYS A 107 36.03 -35.38 -15.33
CA LYS A 107 35.83 -34.82 -14.00
C LYS A 107 35.30 -33.39 -14.01
N VAL A 108 34.43 -33.10 -13.06
CA VAL A 108 33.84 -31.77 -12.91
C VAL A 108 34.67 -30.97 -11.92
N PHE A 109 34.87 -29.68 -12.19
CA PHE A 109 35.58 -28.81 -11.25
C PHE A 109 35.13 -27.37 -11.45
N GLY A 110 35.13 -26.61 -10.35
CA GLY A 110 34.70 -25.22 -10.39
C GLY A 110 33.23 -25.10 -10.07
N GLU A 111 32.61 -26.19 -9.66
CA GLU A 111 31.20 -26.22 -9.32
C GLU A 111 30.97 -25.79 -7.88
N LEU A 112 31.97 -25.98 -7.05
CA LEU A 112 31.84 -25.65 -5.64
C LEU A 112 31.63 -24.18 -5.32
N ALA A 113 32.35 -23.28 -5.99
CA ALA A 113 32.19 -21.86 -5.69
C ALA A 113 30.72 -21.46 -5.72
N ILE A 114 29.98 -22.00 -6.68
CA ILE A 114 28.56 -21.67 -6.83
C ILE A 114 27.70 -21.78 -5.57
N LEU A 115 28.17 -22.50 -4.55
CA LEU A 115 27.42 -22.60 -3.30
C LEU A 115 28.23 -22.09 -2.11
N TYR A 116 28.96 -21.01 -2.35
CA TYR A 116 29.79 -20.33 -1.35
C TYR A 116 29.91 -18.90 -1.83
N ASN A 117 28.80 -18.39 -2.35
CA ASN A 117 28.71 -17.02 -2.85
C ASN A 117 29.70 -16.68 -3.95
N CYS A 118 30.10 -17.70 -4.71
CA CYS A 118 31.03 -17.53 -5.84
C CYS A 118 32.49 -17.26 -5.49
N THR A 119 32.98 -17.73 -4.34
CA THR A 119 34.39 -17.52 -3.99
C THR A 119 35.14 -18.84 -4.17
N ARG A 120 36.06 -18.88 -5.14
CA ARG A 120 36.82 -20.09 -5.41
C ARG A 120 37.52 -20.62 -4.15
N THR A 121 37.33 -21.92 -3.89
CA THR A 121 37.91 -22.58 -2.72
C THR A 121 39.29 -23.17 -2.94
N ALA A 122 39.75 -23.16 -4.18
CA ALA A 122 41.06 -23.71 -4.52
C ALA A 122 41.55 -23.25 -5.90
N THR A 123 42.81 -23.56 -6.20
CA THR A 123 43.43 -23.21 -7.45
C THR A 123 43.45 -24.40 -8.40
N VAL A 124 43.26 -24.15 -9.69
CA VAL A 124 43.30 -25.22 -10.67
C VAL A 124 44.19 -24.73 -11.81
N LYS A 125 45.34 -25.36 -11.97
CA LYS A 125 46.30 -25.00 -13.02
C LYS A 125 46.43 -26.19 -13.95
N THR A 126 46.75 -25.93 -15.21
CA THR A 126 46.88 -26.99 -16.19
C THR A 126 48.31 -27.50 -16.26
N LEU A 127 48.48 -28.80 -16.52
CA LEU A 127 49.81 -29.37 -16.62
C LEU A 127 50.19 -29.57 -18.07
N VAL A 128 49.17 -29.65 -18.92
CA VAL A 128 49.32 -29.81 -20.36
C VAL A 128 48.22 -28.94 -20.98
N ASN A 129 48.07 -28.97 -22.31
CA ASN A 129 46.99 -28.20 -22.95
C ASN A 129 45.75 -28.96 -22.54
N VAL A 130 44.65 -28.27 -22.30
CA VAL A 130 43.42 -28.97 -21.90
C VAL A 130 42.24 -28.52 -22.72
N LYS A 131 41.18 -29.31 -22.67
CA LYS A 131 39.96 -29.01 -23.39
C LYS A 131 38.83 -29.19 -22.41
N LEU A 132 38.10 -28.12 -22.13
CA LEU A 132 37.01 -28.22 -21.19
C LEU A 132 35.68 -27.94 -21.81
N TRP A 133 34.63 -28.23 -21.06
CA TRP A 133 33.28 -27.95 -21.46
C TRP A 133 32.89 -27.02 -20.33
N ALA A 134 32.25 -25.89 -20.65
CA ALA A 134 31.90 -24.93 -19.62
C ALA A 134 30.50 -24.35 -19.69
N ILE A 135 30.03 -23.88 -18.54
CA ILE A 135 28.71 -23.27 -18.43
C ILE A 135 28.89 -22.05 -17.51
N ASP A 136 28.17 -20.96 -17.75
CA ASP A 136 28.35 -19.79 -16.88
C ASP A 136 27.43 -19.82 -15.65
N ARG A 137 27.81 -19.04 -14.64
CA ARG A 137 27.05 -18.97 -13.39
C ARG A 137 25.54 -18.90 -13.59
N GLN A 138 25.10 -18.09 -14.53
CA GLN A 138 23.68 -17.91 -14.82
C GLN A 138 23.03 -19.18 -15.36
N CYS A 139 23.52 -19.72 -16.47
CA CYS A 139 22.92 -20.94 -17.00
C CYS A 139 22.92 -21.97 -15.87
N PHE A 140 23.99 -21.98 -15.08
CA PHE A 140 24.13 -22.92 -13.97
C PHE A 140 23.16 -22.68 -12.83
N GLN A 141 23.26 -21.52 -12.18
CA GLN A 141 22.38 -21.20 -11.07
C GLN A 141 20.92 -21.39 -11.45
N THR A 142 20.56 -21.01 -12.66
CA THR A 142 19.19 -21.16 -13.14
C THR A 142 18.82 -22.63 -13.16
N ILE A 143 19.45 -23.39 -14.06
CA ILE A 143 19.22 -24.82 -14.19
C ILE A 143 19.02 -25.45 -12.82
N MET A 144 19.95 -25.17 -11.91
CA MET A 144 19.89 -25.69 -10.55
C MET A 144 18.54 -25.35 -9.93
N MET A 145 18.15 -24.09 -10.03
CA MET A 145 16.89 -23.59 -9.48
C MET A 145 15.64 -24.38 -9.86
N ARG A 146 15.60 -24.91 -11.08
CA ARG A 146 14.44 -25.68 -11.54
C ARG A 146 14.10 -26.89 -10.69
N THR A 147 14.81 -27.07 -9.58
CA THR A 147 14.53 -28.21 -8.71
C THR A 147 13.17 -28.07 -8.02
N GLY A 148 12.94 -26.94 -7.37
CA GLY A 148 11.66 -26.72 -6.72
C GLY A 148 10.51 -26.77 -7.70
N LEU A 149 10.71 -26.23 -8.90
CA LEU A 149 9.66 -26.24 -9.90
C LEU A 149 9.24 -27.65 -10.28
N ILE A 150 10.22 -28.51 -10.55
CA ILE A 150 9.93 -29.90 -10.92
C ILE A 150 9.11 -30.59 -9.84
N LYS A 151 9.48 -30.37 -8.58
CA LYS A 151 8.78 -30.95 -7.45
C LYS A 151 7.32 -30.52 -7.50
N HIS A 152 7.11 -29.21 -7.43
CA HIS A 152 5.78 -28.62 -7.49
C HIS A 152 4.94 -29.32 -8.55
N THR A 153 5.53 -29.47 -9.73
CA THR A 153 4.84 -30.11 -10.83
C THR A 153 4.41 -31.53 -10.44
N GLU A 154 5.38 -32.39 -10.13
CA GLU A 154 5.07 -33.77 -9.76
C GLU A 154 4.02 -33.82 -8.65
N TYR A 155 4.15 -32.95 -7.66
CA TYR A 155 3.18 -32.91 -6.55
C TYR A 155 1.81 -32.52 -7.10
N MET A 156 1.77 -31.36 -7.76
CA MET A 156 0.53 -30.87 -8.33
C MET A 156 -0.09 -31.96 -9.18
N GLU A 157 0.71 -32.54 -10.06
CA GLU A 157 0.24 -33.62 -10.92
C GLU A 157 -0.39 -34.71 -10.06
N PHE A 158 0.29 -35.06 -8.97
CA PHE A 158 -0.22 -36.08 -8.08
C PHE A 158 -1.50 -35.65 -7.38
N LEU A 159 -1.48 -34.49 -6.75
CA LEU A 159 -2.67 -34.01 -6.05
C LEU A 159 -3.91 -34.00 -6.98
N LYS A 160 -3.72 -33.53 -8.21
CA LYS A 160 -4.81 -33.47 -9.17
C LYS A 160 -5.16 -34.83 -9.78
N SER A 161 -4.63 -35.91 -9.22
CA SER A 161 -4.95 -37.23 -9.73
C SER A 161 -5.85 -37.87 -8.69
N VAL A 162 -5.91 -37.22 -7.53
CA VAL A 162 -6.73 -37.70 -6.43
C VAL A 162 -8.01 -36.87 -6.38
N PRO A 163 -9.17 -37.53 -6.53
CA PRO A 163 -10.46 -36.85 -6.52
C PRO A 163 -10.57 -35.75 -5.47
N THR A 164 -10.48 -36.13 -4.21
CA THR A 164 -10.59 -35.17 -3.12
C THR A 164 -9.75 -33.90 -3.30
N PHE A 165 -8.45 -34.04 -3.43
CA PHE A 165 -7.60 -32.86 -3.58
C PHE A 165 -7.72 -32.14 -4.92
N GLN A 166 -8.40 -32.76 -5.88
CA GLN A 166 -8.58 -32.15 -7.19
C GLN A 166 -9.60 -31.02 -7.08
N SER A 167 -10.59 -31.25 -6.22
CA SER A 167 -11.65 -30.28 -6.00
C SER A 167 -11.20 -29.04 -5.25
N LEU A 168 -10.09 -29.14 -4.51
CA LEU A 168 -9.63 -27.98 -3.76
C LEU A 168 -9.32 -26.81 -4.68
N PRO A 169 -9.54 -25.58 -4.17
CA PRO A 169 -9.29 -24.38 -4.99
C PRO A 169 -7.83 -24.41 -5.43
N GLU A 170 -7.51 -23.71 -6.52
CA GLU A 170 -6.15 -23.74 -7.03
C GLU A 170 -5.09 -23.04 -6.18
N GLU A 171 -5.49 -21.99 -5.46
CA GLU A 171 -4.51 -21.27 -4.65
C GLU A 171 -3.86 -22.15 -3.59
N ILE A 172 -4.67 -22.84 -2.78
CA ILE A 172 -4.10 -23.68 -1.73
C ILE A 172 -3.38 -24.89 -2.29
N LEU A 173 -4.03 -25.62 -3.19
CA LEU A 173 -3.43 -26.80 -3.79
C LEU A 173 -2.00 -26.55 -4.23
N SER A 174 -1.78 -25.43 -4.90
CA SER A 174 -0.45 -25.08 -5.40
C SER A 174 0.48 -24.56 -4.32
N LYS A 175 -0.09 -23.96 -3.28
CA LYS A 175 0.76 -23.43 -2.20
C LYS A 175 1.09 -24.57 -1.27
N LEU A 176 0.26 -25.59 -1.29
CA LEU A 176 0.46 -26.76 -0.45
C LEU A 176 1.66 -27.50 -1.04
N ALA A 177 1.71 -27.55 -2.37
CA ALA A 177 2.78 -28.23 -3.09
C ALA A 177 4.15 -27.58 -2.95
N ASP A 178 4.21 -26.37 -2.41
CA ASP A 178 5.51 -25.72 -2.27
C ASP A 178 6.16 -25.91 -0.91
N VAL A 179 5.42 -26.52 0.02
CA VAL A 179 5.95 -26.74 1.36
C VAL A 179 5.91 -28.20 1.84
N LEU A 180 5.12 -29.03 1.16
CA LEU A 180 4.99 -30.45 1.50
C LEU A 180 6.36 -31.17 1.57
N GLU A 181 6.52 -32.07 2.53
CA GLU A 181 7.75 -32.83 2.63
C GLU A 181 7.38 -34.29 2.36
N GLU A 182 8.31 -35.03 1.77
CA GLU A 182 8.10 -36.43 1.42
C GLU A 182 8.83 -37.33 2.40
N THR A 183 8.11 -37.85 3.39
CA THR A 183 8.70 -38.71 4.41
C THR A 183 8.35 -40.18 4.11
N HIS A 184 9.22 -41.12 4.50
CA HIS A 184 9.00 -42.55 4.22
C HIS A 184 8.87 -43.51 5.40
N TYR A 185 8.21 -44.64 5.12
CA TYR A 185 7.99 -45.69 6.12
C TYR A 185 8.11 -47.10 5.53
N GLU A 186 8.52 -48.04 6.39
CA GLU A 186 8.68 -49.44 6.02
C GLU A 186 7.59 -50.27 6.66
N ASN A 187 7.26 -51.40 6.05
CA ASN A 187 6.22 -52.25 6.58
C ASN A 187 6.35 -52.40 8.08
N GLY A 188 5.23 -52.30 8.78
CA GLY A 188 5.23 -52.46 10.21
C GLY A 188 5.47 -51.26 11.09
N GLU A 189 6.04 -50.17 10.58
CA GLU A 189 6.25 -49.01 11.44
C GLU A 189 4.97 -48.24 11.71
N TYR A 190 4.77 -47.82 12.95
CA TYR A 190 3.60 -47.01 13.30
C TYR A 190 3.88 -45.57 12.84
N ILE A 191 2.97 -44.97 12.06
CA ILE A 191 3.19 -43.59 11.60
C ILE A 191 2.73 -42.58 12.67
N ILE A 192 1.60 -42.89 13.30
CA ILE A 192 1.08 -42.07 14.40
C ILE A 192 0.40 -43.08 15.33
N ARG A 193 0.27 -42.73 16.61
CA ARG A 193 -0.31 -43.65 17.57
C ARG A 193 -1.45 -43.06 18.40
N GLN A 194 -2.45 -43.90 18.65
CA GLN A 194 -3.58 -43.50 19.44
C GLN A 194 -3.09 -42.93 20.76
N GLY A 195 -3.41 -41.65 20.99
CA GLY A 195 -3.03 -41.00 22.23
C GLY A 195 -1.88 -40.03 22.16
N ALA A 196 -1.22 -39.94 21.01
CA ALA A 196 -0.08 -39.05 20.84
C ALA A 196 -0.44 -37.59 20.58
N ARG A 197 0.50 -36.69 20.88
CA ARG A 197 0.31 -35.26 20.68
C ARG A 197 0.79 -34.90 19.29
N GLY A 198 -0.07 -35.14 18.30
CA GLY A 198 0.30 -34.87 16.93
C GLY A 198 0.06 -33.48 16.34
N ASP A 199 0.79 -33.20 15.27
CA ASP A 199 0.68 -31.93 14.57
C ASP A 199 1.20 -32.08 13.14
N THR A 200 0.97 -33.27 12.57
CA THR A 200 1.38 -33.56 11.21
C THR A 200 0.23 -34.17 10.43
N PHE A 201 -0.03 -33.62 9.24
CA PHE A 201 -1.10 -34.10 8.38
C PHE A 201 -0.41 -34.94 7.32
N PHE A 202 -0.97 -36.11 7.02
CA PHE A 202 -0.36 -37.01 6.04
C PHE A 202 -1.21 -37.33 4.82
N ILE A 203 -0.57 -37.36 3.67
CA ILE A 203 -1.24 -37.71 2.43
C ILE A 203 -0.43 -38.86 1.84
N ILE A 204 -1.04 -40.03 1.74
CA ILE A 204 -0.38 -41.21 1.17
C ILE A 204 -0.13 -41.04 -0.32
N SER A 205 1.15 -41.06 -0.71
CA SER A 205 1.50 -40.95 -2.12
C SER A 205 1.83 -42.32 -2.67
N LYS A 206 2.22 -43.23 -1.79
CA LYS A 206 2.57 -44.59 -2.18
C LYS A 206 2.50 -45.57 -1.02
N GLY A 207 1.92 -46.73 -1.28
CA GLY A 207 1.81 -47.74 -0.24
C GLY A 207 0.41 -47.98 0.25
N LYS A 208 0.32 -48.50 1.47
CA LYS A 208 -0.98 -48.78 2.06
C LYS A 208 -0.77 -48.81 3.58
N VAL A 209 -1.80 -48.46 4.35
CA VAL A 209 -1.66 -48.47 5.80
C VAL A 209 -2.93 -49.01 6.47
N ASN A 210 -2.82 -49.38 7.74
CA ASN A 210 -3.97 -49.89 8.45
C ASN A 210 -4.16 -49.01 9.66
N VAL A 211 -5.42 -48.69 9.94
CA VAL A 211 -5.74 -47.86 11.08
C VAL A 211 -6.39 -48.75 12.11
N THR A 212 -5.90 -48.66 13.35
CA THR A 212 -6.43 -49.48 14.42
C THR A 212 -6.58 -48.61 15.66
N ARG A 213 -7.41 -49.08 16.56
CA ARG A 213 -7.65 -48.37 17.80
C ARG A 213 -7.98 -49.44 18.83
N GLU A 214 -7.49 -49.26 20.05
CA GLU A 214 -7.78 -50.24 21.09
C GLU A 214 -8.91 -49.78 21.99
N ASP A 215 -10.06 -50.44 21.84
CA ASP A 215 -11.29 -50.17 22.59
C ASP A 215 -11.06 -49.32 23.84
N SER A 216 -10.35 -49.88 24.82
CA SER A 216 -10.05 -49.15 26.04
C SER A 216 -9.05 -49.87 26.96
N PRO A 217 -9.47 -50.95 27.65
CA PRO A 217 -8.54 -51.65 28.54
C PRO A 217 -7.58 -52.58 27.81
N ASN A 218 -7.53 -53.84 28.28
CA ASN A 218 -6.69 -54.85 27.67
C ASN A 218 -7.44 -55.41 26.47
N GLU A 219 -8.19 -54.53 25.81
CA GLU A 219 -8.97 -54.92 24.63
C GLU A 219 -8.05 -54.89 23.41
N ASP A 220 -7.81 -56.06 22.84
CA ASP A 220 -6.95 -56.17 21.67
C ASP A 220 -7.32 -55.10 20.63
N PRO A 221 -6.31 -54.52 19.96
CA PRO A 221 -6.51 -53.49 18.95
C PRO A 221 -7.55 -53.84 17.89
N VAL A 222 -8.52 -52.94 17.74
CA VAL A 222 -9.59 -53.13 16.77
C VAL A 222 -9.20 -52.54 15.42
N PHE A 223 -9.49 -53.27 14.36
CA PHE A 223 -9.19 -52.79 13.02
C PHE A 223 -10.33 -51.92 12.50
N LEU A 224 -10.02 -50.68 12.16
CA LEU A 224 -11.02 -49.75 11.66
C LEU A 224 -11.14 -49.74 10.14
N ARG A 225 -10.14 -49.21 9.47
CA ARG A 225 -10.17 -49.12 8.01
C ARG A 225 -8.77 -49.23 7.45
N THR A 226 -8.68 -49.20 6.12
CA THR A 226 -7.40 -49.28 5.42
C THR A 226 -7.34 -48.12 4.45
N LEU A 227 -6.18 -47.47 4.37
CA LEU A 227 -6.01 -46.35 3.48
C LEU A 227 -4.88 -46.66 2.51
N GLY A 228 -4.84 -45.97 1.39
CA GLY A 228 -3.79 -46.20 0.41
C GLY A 228 -3.58 -44.95 -0.38
N LYS A 229 -2.96 -45.08 -1.55
CA LYS A 229 -2.68 -43.95 -2.42
C LYS A 229 -3.88 -43.01 -2.53
N GLY A 230 -3.64 -41.73 -2.27
CA GLY A 230 -4.72 -40.77 -2.37
C GLY A 230 -5.44 -40.51 -1.07
N ASP A 231 -5.40 -41.48 -0.16
CA ASP A 231 -6.05 -41.27 1.12
C ASP A 231 -5.18 -40.37 1.99
N TRP A 232 -5.69 -40.02 3.16
CA TRP A 232 -4.97 -39.13 4.07
C TRP A 232 -5.39 -39.42 5.51
N PHE A 233 -4.69 -38.81 6.45
CA PHE A 233 -5.03 -39.01 7.85
C PHE A 233 -4.25 -38.03 8.72
N GLY A 234 -4.77 -37.82 9.91
CA GLY A 234 -4.15 -36.89 10.84
C GLY A 234 -4.55 -35.47 10.51
N GLU A 235 -5.74 -35.30 9.94
CA GLU A 235 -6.21 -33.98 9.59
C GLU A 235 -6.38 -33.12 10.85
N LYS A 236 -6.99 -33.70 11.88
CA LYS A 236 -7.25 -32.98 13.12
C LYS A 236 -6.07 -32.22 13.71
N ALA A 237 -4.86 -32.72 13.51
CA ALA A 237 -3.67 -32.08 14.04
C ALA A 237 -3.48 -30.66 13.52
N LEU A 238 -4.08 -30.36 12.37
CA LEU A 238 -3.96 -29.05 11.76
C LEU A 238 -4.87 -28.04 12.44
N GLN A 239 -5.88 -28.54 13.12
CA GLN A 239 -6.85 -27.69 13.80
C GLN A 239 -6.65 -27.65 15.31
N GLY A 240 -5.50 -27.16 15.74
CA GLY A 240 -5.21 -27.08 17.16
C GLY A 240 -4.72 -28.37 17.81
N GLU A 241 -4.14 -28.24 19.00
CA GLU A 241 -3.61 -29.37 19.75
C GLU A 241 -4.69 -30.38 20.11
N ASP A 242 -4.44 -31.65 19.79
CA ASP A 242 -5.36 -32.74 20.07
C ASP A 242 -4.61 -34.06 19.98
N VAL A 243 -5.10 -35.07 20.69
CA VAL A 243 -4.47 -36.39 20.68
C VAL A 243 -5.10 -37.22 19.58
N ARG A 244 -4.31 -38.11 18.99
CA ARG A 244 -4.77 -38.97 17.90
C ARG A 244 -5.83 -39.96 18.39
N THR A 245 -6.81 -40.24 17.55
CA THR A 245 -7.90 -41.16 17.89
C THR A 245 -7.59 -42.61 17.58
N ALA A 246 -6.62 -42.84 16.70
CA ALA A 246 -6.28 -44.20 16.33
C ALA A 246 -4.85 -44.29 15.82
N ASN A 247 -4.31 -45.51 15.80
CA ASN A 247 -2.96 -45.73 15.31
C ASN A 247 -3.01 -45.84 13.79
N VAL A 248 -1.86 -45.61 13.16
CA VAL A 248 -1.72 -45.74 11.72
C VAL A 248 -0.38 -46.40 11.52
N ILE A 249 -0.40 -47.64 11.01
CA ILE A 249 0.83 -48.40 10.77
C ILE A 249 0.97 -48.70 9.30
N ALA A 250 2.20 -48.69 8.81
CA ALA A 250 2.45 -49.01 7.42
C ALA A 250 2.21 -50.52 7.23
N ALA A 251 1.58 -50.89 6.10
CA ALA A 251 1.30 -52.29 5.80
C ALA A 251 2.14 -52.69 4.60
N GLU A 252 3.22 -51.97 4.37
CA GLU A 252 4.13 -52.21 3.27
C GLU A 252 4.93 -50.94 3.06
N ALA A 253 5.78 -50.89 2.04
CA ALA A 253 6.56 -49.67 1.81
C ALA A 253 5.57 -48.52 1.67
N VAL A 254 5.83 -47.42 2.37
CA VAL A 254 4.91 -46.30 2.34
C VAL A 254 5.57 -44.94 2.22
N THR A 255 5.02 -44.12 1.33
CA THR A 255 5.52 -42.77 1.15
C THR A 255 4.39 -41.80 1.50
N CYS A 256 4.74 -40.70 2.15
CA CYS A 256 3.75 -39.69 2.55
C CYS A 256 4.20 -38.25 2.34
N LEU A 257 3.33 -37.47 1.70
CA LEU A 257 3.59 -36.06 1.51
C LEU A 257 3.03 -35.57 2.84
N VAL A 258 3.77 -34.73 3.56
CA VAL A 258 3.30 -34.25 4.86
C VAL A 258 3.52 -32.78 5.08
N ILE A 259 2.80 -32.25 6.07
CA ILE A 259 2.88 -30.84 6.46
C ILE A 259 2.53 -30.69 7.94
N ASP A 260 3.32 -29.96 8.71
CA ASP A 260 3.04 -29.79 10.13
C ASP A 260 2.08 -28.61 10.36
N ARG A 261 1.36 -28.64 11.47
CA ARG A 261 0.39 -27.60 11.80
C ARG A 261 0.86 -26.16 11.63
N ASP A 262 1.96 -25.79 12.29
CA ASP A 262 2.47 -24.44 12.17
C ASP A 262 2.67 -24.04 10.71
N SER A 263 3.33 -24.90 9.94
CA SER A 263 3.56 -24.63 8.52
C SER A 263 2.25 -24.43 7.80
N PHE A 264 1.22 -25.15 8.22
CA PHE A 264 -0.08 -25.04 7.60
C PHE A 264 -0.64 -23.66 7.93
N LYS A 265 -0.81 -23.36 9.21
CA LYS A 265 -1.32 -22.07 9.65
C LYS A 265 -0.63 -20.98 8.82
N HIS A 266 0.63 -21.21 8.50
CA HIS A 266 1.41 -20.25 7.72
C HIS A 266 0.86 -20.22 6.29
N LEU A 267 0.90 -21.36 5.63
CA LEU A 267 0.39 -21.46 4.26
C LEU A 267 -0.94 -20.73 4.15
N ILE A 268 -1.88 -21.08 5.01
CA ILE A 268 -3.19 -20.47 5.03
C ILE A 268 -3.11 -18.95 5.20
N GLY A 269 -2.35 -18.50 6.19
CA GLY A 269 -2.20 -17.07 6.41
C GLY A 269 -1.27 -16.45 5.39
N GLY A 270 -1.18 -17.07 4.22
CA GLY A 270 -0.33 -16.57 3.16
C GLY A 270 -1.11 -16.56 1.86
N LEU A 271 -2.40 -16.84 1.97
CA LEU A 271 -3.27 -16.85 0.82
C LEU A 271 -3.67 -15.41 0.51
N ASP A 272 -2.69 -14.68 -0.01
CA ASP A 272 -2.86 -13.27 -0.37
C ASP A 272 -3.53 -13.24 -1.75
N ASP A 273 -4.85 -13.45 -1.77
CA ASP A 273 -5.58 -13.47 -3.03
C ASP A 273 -6.94 -12.78 -3.01
N VAL A 274 -6.95 -11.46 -2.88
CA VAL A 274 -8.19 -10.70 -2.88
C VAL A 274 -8.73 -10.60 -4.31
N SER A 275 -9.94 -11.11 -4.52
CA SER A 275 -10.57 -11.06 -5.83
C SER A 275 -11.07 -9.64 -6.16
N ASN A 276 -11.07 -9.31 -7.45
CA ASN A 276 -11.53 -8.00 -7.91
C ASN A 276 -12.89 -7.65 -7.32
N LYS A 277 -13.86 -8.50 -7.57
CA LYS A 277 -15.22 -8.30 -7.07
C LYS A 277 -15.31 -8.43 -5.55
N ALA A 278 -14.40 -9.21 -4.96
CA ALA A 278 -14.41 -9.42 -3.50
C ALA A 278 -14.01 -8.15 -2.75
N TYR A 279 -13.02 -7.43 -3.27
CA TYR A 279 -12.55 -6.20 -2.65
C TYR A 279 -13.64 -5.14 -2.81
N GLU A 280 -14.36 -5.23 -3.93
CA GLU A 280 -15.45 -4.31 -4.25
C GLU A 280 -16.60 -4.42 -3.25
N ASP A 281 -17.01 -5.64 -2.96
CA ASP A 281 -18.10 -5.88 -2.01
C ASP A 281 -17.73 -5.39 -0.61
N ALA A 282 -16.47 -5.56 -0.23
CA ALA A 282 -16.00 -5.10 1.07
C ALA A 282 -15.86 -3.60 0.98
N GLU A 283 -15.53 -3.13 -0.22
CA GLU A 283 -15.37 -1.71 -0.50
C GLU A 283 -16.74 -1.07 -0.21
N ALA A 284 -17.78 -1.86 -0.44
CA ALA A 284 -19.16 -1.43 -0.23
C ALA A 284 -19.50 -1.56 1.25
N LYS A 285 -19.45 -2.79 1.74
CA LYS A 285 -19.75 -3.07 3.14
C LYS A 285 -19.22 -1.95 4.04
N ALA A 286 -17.98 -1.54 3.80
CA ALA A 286 -17.34 -0.49 4.59
C ALA A 286 -18.11 0.83 4.60
N LYS A 287 -18.36 1.39 3.42
CA LYS A 287 -19.09 2.64 3.29
C LYS A 287 -20.39 2.60 4.08
N TYR A 288 -21.19 1.56 3.87
CA TYR A 288 -22.46 1.42 4.58
C TYR A 288 -22.21 1.62 6.06
N GLU A 289 -21.33 0.78 6.60
CA GLU A 289 -20.98 0.82 8.01
C GLU A 289 -20.53 2.19 8.52
N ALA A 290 -19.61 2.83 7.80
CA ALA A 290 -19.11 4.13 8.20
C ALA A 290 -20.25 5.12 8.40
N GLU A 291 -21.15 5.19 7.43
CA GLU A 291 -22.28 6.10 7.52
C GLU A 291 -23.14 5.78 8.72
N ALA A 292 -23.52 4.52 8.86
CA ALA A 292 -24.36 4.11 9.98
C ALA A 292 -23.65 4.35 11.29
N ALA A 293 -22.33 4.23 11.27
CA ALA A 293 -21.53 4.42 12.46
C ALA A 293 -21.56 5.88 12.88
N PHE A 294 -21.59 6.76 11.89
CA PHE A 294 -21.61 8.19 12.11
C PHE A 294 -22.92 8.63 12.77
N PHE A 295 -24.04 8.20 12.21
CA PHE A 295 -25.35 8.54 12.74
C PHE A 295 -25.53 7.91 14.10
N ALA A 296 -24.86 6.78 14.31
CA ALA A 296 -24.95 6.07 15.57
C ALA A 296 -24.40 6.97 16.67
N ASN A 297 -23.19 7.47 16.43
CA ASN A 297 -22.50 8.35 17.38
C ASN A 297 -23.29 9.60 17.78
N LEU A 298 -24.22 10.02 16.92
CA LEU A 298 -25.01 11.21 17.23
C LEU A 298 -26.07 10.87 18.28
N LYS A 299 -27.32 10.69 17.85
CA LYS A 299 -28.40 10.36 18.78
C LYS A 299 -28.16 9.01 19.47
N GLN B 22 4.24 28.40 4.93
CA GLN B 22 5.51 28.76 4.23
C GLN B 22 6.33 29.74 5.08
N ALA B 23 7.61 29.86 4.77
CA ALA B 23 8.52 30.75 5.50
C ALA B 23 9.26 31.68 4.54
N PHE B 24 8.77 32.92 4.39
CA PHE B 24 9.38 33.90 3.47
C PHE B 24 10.37 34.88 4.12
N ARG B 25 10.91 35.78 3.29
CA ARG B 25 11.88 36.80 3.71
C ARG B 25 11.19 38.08 4.18
N LYS B 26 11.79 38.76 5.15
CA LYS B 26 11.23 40.00 5.68
C LYS B 26 12.09 41.21 5.35
N PHE B 27 11.66 42.01 4.38
CA PHE B 27 12.38 43.21 4.00
C PHE B 27 11.95 44.30 4.99
N THR B 28 12.60 44.31 6.15
CA THR B 28 12.31 45.28 7.22
C THR B 28 12.39 46.73 6.75
N LYS B 29 11.22 47.37 6.69
CA LYS B 29 11.11 48.76 6.26
C LYS B 29 11.09 49.69 7.48
N SER B 30 10.69 50.95 7.25
CA SER B 30 10.61 51.94 8.33
C SER B 30 9.24 51.85 8.98
N GLU B 31 9.21 51.92 10.31
CA GLU B 31 7.96 51.82 11.05
C GLU B 31 6.91 52.74 10.43
N ARG B 32 7.38 53.80 9.79
CA ARG B 32 6.50 54.76 9.12
C ARG B 32 5.78 54.06 7.96
N SER B 33 6.57 53.34 7.17
CA SER B 33 6.08 52.61 6.00
C SER B 33 5.23 51.39 6.35
N LYS B 34 5.69 50.59 7.32
CA LYS B 34 4.96 49.39 7.74
C LYS B 34 3.52 49.75 8.09
N ASP B 35 3.35 50.90 8.73
CA ASP B 35 2.03 51.37 9.13
C ASP B 35 1.38 52.18 8.01
N LEU B 36 2.04 52.20 6.86
CA LEU B 36 1.53 52.94 5.71
C LEU B 36 0.77 51.98 4.79
N ILE B 37 1.33 50.79 4.59
CA ILE B 37 0.71 49.77 3.73
C ILE B 37 -0.65 49.36 4.27
N LYS B 38 -0.70 49.03 5.56
CA LYS B 38 -1.95 48.60 6.20
C LYS B 38 -3.17 49.36 5.65
N GLU B 39 -3.12 50.69 5.78
CA GLU B 39 -4.23 51.53 5.30
C GLU B 39 -4.57 51.22 3.84
N ALA B 40 -3.52 51.05 3.02
CA ALA B 40 -3.69 50.75 1.60
C ALA B 40 -4.33 49.38 1.40
N ILE B 41 -4.03 48.44 2.29
CA ILE B 41 -4.59 47.09 2.20
C ILE B 41 -6.03 47.13 2.68
N LEU B 42 -6.25 47.78 3.82
CA LEU B 42 -7.58 47.89 4.39
C LEU B 42 -8.53 48.59 3.41
N ASP B 43 -7.97 49.27 2.41
CA ASP B 43 -8.76 49.99 1.43
C ASP B 43 -9.10 49.13 0.21
N ASN B 44 -8.69 47.87 0.21
CA ASN B 44 -8.98 47.01 -0.93
C ASN B 44 -10.11 46.03 -0.66
N ASP B 45 -10.99 45.89 -1.65
CA ASP B 45 -12.13 45.00 -1.57
C ASP B 45 -11.72 43.54 -1.34
N PHE B 46 -10.61 43.14 -1.94
CA PHE B 46 -10.13 41.77 -1.86
C PHE B 46 -9.25 41.49 -0.65
N MET B 47 -8.81 42.56 0.02
CA MET B 47 -7.90 42.39 1.15
C MET B 47 -8.35 42.95 2.50
N LYS B 48 -9.44 43.72 2.51
CA LYS B 48 -9.92 44.29 3.77
C LYS B 48 -10.50 43.24 4.70
N ASN B 49 -10.33 41.96 4.37
CA ASN B 49 -10.86 40.88 5.20
C ASN B 49 -9.77 40.03 5.84
N LEU B 50 -8.58 40.06 5.26
CA LEU B 50 -7.45 39.28 5.76
C LEU B 50 -7.26 39.37 7.26
N GLU B 51 -6.58 38.37 7.82
CA GLU B 51 -6.33 38.35 9.27
C GLU B 51 -5.14 39.21 9.61
N LEU B 52 -5.05 39.64 10.87
CA LEU B 52 -3.95 40.46 11.34
C LEU B 52 -2.66 39.83 10.82
N SER B 53 -2.51 38.53 11.08
CA SER B 53 -1.34 37.78 10.65
C SER B 53 -1.11 37.89 9.14
N GLN B 54 -2.17 37.64 8.36
CA GLN B 54 -2.09 37.70 6.90
C GLN B 54 -1.53 39.03 6.44
N ILE B 55 -2.06 40.11 6.99
CA ILE B 55 -1.61 41.46 6.66
C ILE B 55 -0.15 41.61 7.04
N GLN B 56 0.16 41.31 8.30
CA GLN B 56 1.52 41.38 8.81
C GLN B 56 2.49 40.84 7.76
N GLU B 57 2.25 39.62 7.32
CA GLU B 57 3.08 38.97 6.33
C GLU B 57 3.19 39.80 5.07
N ILE B 58 2.05 40.17 4.50
CA ILE B 58 2.02 40.98 3.29
C ILE B 58 2.97 42.15 3.44
N VAL B 59 2.79 42.91 4.51
CA VAL B 59 3.65 44.06 4.77
C VAL B 59 5.12 43.63 4.79
N ASP B 60 5.39 42.47 5.37
CA ASP B 60 6.75 41.96 5.48
C ASP B 60 7.45 41.53 4.20
N CYS B 61 6.85 40.64 3.39
CA CYS B 61 7.57 40.24 2.18
C CYS B 61 7.60 41.29 1.07
N MET B 62 7.05 42.47 1.33
CA MET B 62 7.09 43.51 0.31
C MET B 62 8.48 44.12 0.26
N TYR B 63 8.97 44.39 -0.95
CA TYR B 63 10.28 44.96 -1.14
C TYR B 63 10.23 46.27 -1.91
N PRO B 64 11.18 47.19 -1.62
CA PRO B 64 11.31 48.51 -2.25
C PRO B 64 11.67 48.48 -3.72
N VAL B 65 10.92 49.23 -4.53
CA VAL B 65 11.18 49.29 -5.95
C VAL B 65 11.04 50.72 -6.47
N GLU B 66 11.93 51.61 -6.02
CA GLU B 66 11.92 53.00 -6.46
C GLU B 66 12.02 53.03 -7.99
N TYR B 67 11.13 53.77 -8.61
CA TYR B 67 11.11 53.89 -10.07
C TYR B 67 11.42 55.31 -10.52
N GLY B 68 11.80 55.44 -11.80
CA GLY B 68 12.12 56.74 -12.35
C GLY B 68 10.91 57.57 -12.71
N LYS B 69 11.11 58.89 -12.81
CA LYS B 69 10.03 59.82 -13.15
C LYS B 69 9.51 59.58 -14.56
N ASP B 70 8.23 59.84 -14.77
CA ASP B 70 7.58 59.67 -16.06
C ASP B 70 7.79 58.28 -16.66
N SER B 71 8.13 57.33 -15.79
CA SER B 71 8.37 55.95 -16.18
C SER B 71 7.11 55.07 -16.15
N CYS B 72 7.13 54.00 -16.94
CA CYS B 72 6.01 53.07 -16.99
C CYS B 72 6.19 51.91 -16.00
N ILE B 73 5.08 51.28 -15.62
CA ILE B 73 5.12 50.17 -14.69
C ILE B 73 4.36 48.96 -15.21
N ILE B 74 3.11 49.18 -15.56
CA ILE B 74 2.25 48.12 -16.06
C ILE B 74 1.63 48.49 -17.40
N LYS B 75 1.66 47.54 -18.34
CA LYS B 75 1.11 47.76 -19.68
C LYS B 75 -0.03 46.80 -19.93
N GLU B 76 -1.16 47.31 -20.39
CA GLU B 76 -2.31 46.47 -20.67
C GLU B 76 -1.89 45.34 -21.59
N GLY B 77 -2.28 44.12 -21.24
CA GLY B 77 -1.90 42.98 -22.06
C GLY B 77 -0.73 42.23 -21.45
N ASP B 78 -0.02 42.87 -20.53
CA ASP B 78 1.11 42.22 -19.87
C ASP B 78 0.62 41.04 -19.05
N VAL B 79 1.51 40.12 -18.74
CA VAL B 79 1.15 38.98 -17.90
C VAL B 79 1.68 39.37 -16.52
N GLY B 80 0.77 39.61 -15.59
CA GLY B 80 1.15 40.01 -14.26
C GLY B 80 2.17 39.14 -13.57
N SER B 81 2.76 39.67 -12.49
CA SER B 81 3.75 38.93 -11.75
C SER B 81 4.05 39.68 -10.45
N LEU B 82 3.76 40.97 -10.46
CA LEU B 82 4.00 41.82 -9.30
C LEU B 82 2.77 42.61 -8.89
N VAL B 83 2.68 42.93 -7.61
CA VAL B 83 1.58 43.72 -7.09
C VAL B 83 2.24 44.81 -6.26
N TYR B 84 1.75 46.04 -6.38
CA TYR B 84 2.37 47.16 -5.66
C TYR B 84 1.44 48.04 -4.83
N VAL B 85 2.09 48.89 -4.04
CA VAL B 85 1.46 49.88 -3.16
C VAL B 85 2.43 51.06 -3.17
N MET B 86 1.96 52.25 -3.52
CA MET B 86 2.84 53.42 -3.56
C MET B 86 3.13 54.01 -2.18
N GLU B 87 4.30 54.62 -2.02
CA GLU B 87 4.70 55.22 -0.74
C GLU B 87 5.05 56.71 -0.81
N ASP B 88 5.83 57.09 -1.82
CA ASP B 88 6.24 58.48 -1.98
C ASP B 88 6.27 58.85 -3.46
N GLY B 89 5.11 58.88 -4.08
CA GLY B 89 5.04 59.23 -5.48
C GLY B 89 3.64 59.57 -5.94
N LYS B 90 3.47 59.66 -7.25
CA LYS B 90 2.19 59.95 -7.86
C LYS B 90 2.28 59.36 -9.25
N VAL B 91 1.21 58.73 -9.71
CA VAL B 91 1.22 58.11 -11.03
C VAL B 91 -0.10 58.31 -11.74
N GLU B 92 -0.14 57.94 -13.01
CA GLU B 92 -1.33 58.08 -13.81
C GLU B 92 -1.79 56.72 -14.31
N VAL B 93 -2.89 56.24 -13.75
CA VAL B 93 -3.43 54.94 -14.15
C VAL B 93 -4.14 55.11 -15.50
N THR B 94 -3.41 55.62 -16.48
CA THR B 94 -4.00 55.81 -17.80
C THR B 94 -4.49 54.46 -18.30
N LYS B 95 -4.93 54.42 -19.56
CA LYS B 95 -5.43 53.18 -20.14
C LYS B 95 -5.24 53.27 -21.65
N GLU B 96 -6.32 53.65 -22.36
CA GLU B 96 -6.29 53.79 -23.81
C GLU B 96 -5.65 55.14 -24.16
N GLY B 97 -4.78 55.63 -23.28
CA GLY B 97 -4.15 56.92 -23.48
C GLY B 97 -4.98 57.93 -22.71
N VAL B 98 -6.15 57.49 -22.29
CA VAL B 98 -7.12 58.28 -21.53
C VAL B 98 -6.85 58.26 -20.03
N LYS B 99 -6.16 59.27 -19.52
CA LYS B 99 -5.86 59.36 -18.09
C LYS B 99 -7.11 58.98 -17.32
N LEU B 100 -7.15 57.77 -16.76
CA LEU B 100 -8.31 57.33 -16.02
C LEU B 100 -8.18 57.57 -14.53
N CYS B 101 -7.28 58.48 -14.16
CA CYS B 101 -7.03 58.89 -12.76
C CYS B 101 -5.57 58.90 -12.34
N THR B 102 -5.38 59.33 -11.10
CA THR B 102 -4.05 59.43 -10.46
C THR B 102 -4.01 58.40 -9.32
N MET B 103 -3.10 58.57 -8.37
CA MET B 103 -3.00 57.64 -7.25
C MET B 103 -1.79 57.98 -6.40
N GLY B 104 -2.06 58.25 -5.12
CA GLY B 104 -0.98 58.63 -4.22
C GLY B 104 -0.51 57.51 -3.31
N PRO B 105 0.44 57.83 -2.41
CA PRO B 105 1.05 56.92 -1.43
C PRO B 105 0.06 56.09 -0.59
N GLY B 106 -0.70 55.21 -1.25
CA GLY B 106 -1.66 54.39 -0.54
C GLY B 106 -2.25 53.31 -1.41
N LYS B 107 -3.39 53.61 -2.03
CA LYS B 107 -4.10 52.68 -2.89
C LYS B 107 -3.22 51.56 -3.45
N VAL B 108 -3.67 50.33 -3.29
CA VAL B 108 -2.96 49.15 -3.78
C VAL B 108 -3.32 48.96 -5.26
N PHE B 109 -2.33 48.64 -6.09
CA PHE B 109 -2.62 48.45 -7.51
C PHE B 109 -1.82 47.33 -8.13
N GLY B 110 -2.39 46.74 -9.17
CA GLY B 110 -1.76 45.65 -9.87
C GLY B 110 -2.21 44.30 -9.38
N GLU B 111 -3.00 44.28 -8.31
CA GLU B 111 -3.48 43.03 -7.75
C GLU B 111 -4.47 42.31 -8.66
N LEU B 112 -5.35 43.07 -9.29
CA LEU B 112 -6.37 42.52 -10.18
C LEU B 112 -5.89 41.44 -11.16
N ALA B 113 -4.73 41.65 -11.76
CA ALA B 113 -4.19 40.67 -12.71
C ALA B 113 -3.86 39.34 -12.02
N ILE B 114 -3.35 39.42 -10.81
CA ILE B 114 -2.99 38.22 -10.06
C ILE B 114 -4.21 37.39 -9.64
N LEU B 115 -5.25 38.06 -9.15
CA LEU B 115 -6.47 37.40 -8.70
C LEU B 115 -7.31 36.74 -9.81
N TYR B 116 -7.43 37.39 -10.96
CA TYR B 116 -8.20 36.82 -12.05
C TYR B 116 -7.29 36.11 -13.02
N ASN B 117 -5.98 36.23 -12.80
CA ASN B 117 -4.95 35.63 -13.65
C ASN B 117 -5.22 35.96 -15.11
N CYS B 118 -5.96 37.05 -15.33
CA CYS B 118 -6.27 37.49 -16.68
C CYS B 118 -5.01 38.06 -17.33
N THR B 119 -5.04 39.36 -17.61
CA THR B 119 -3.91 40.07 -18.22
C THR B 119 -4.07 41.52 -17.79
N ARG B 120 -2.98 42.17 -17.38
CA ARG B 120 -3.05 43.55 -16.94
C ARG B 120 -4.20 44.24 -17.66
N THR B 121 -5.14 44.80 -16.89
CA THR B 121 -6.29 45.46 -17.49
C THR B 121 -5.95 46.88 -17.91
N ALA B 122 -5.45 47.67 -16.97
CA ALA B 122 -5.09 49.06 -17.25
C ALA B 122 -3.69 49.17 -17.84
N THR B 123 -3.02 50.30 -17.60
CA THR B 123 -1.68 50.53 -18.11
C THR B 123 -0.98 51.65 -17.35
N VAL B 124 -0.83 51.46 -16.03
CA VAL B 124 -0.19 52.45 -15.18
C VAL B 124 1.10 53.04 -15.75
N LYS B 125 1.40 54.26 -15.31
CA LYS B 125 2.58 55.03 -15.69
C LYS B 125 2.82 56.07 -14.59
N THR B 126 4.09 56.35 -14.28
CA THR B 126 4.40 57.31 -13.23
C THR B 126 4.31 58.75 -13.73
N LEU B 127 4.55 59.68 -12.82
CA LEU B 127 4.50 61.11 -13.12
C LEU B 127 5.65 61.83 -12.44
N VAL B 128 6.49 61.08 -11.74
CA VAL B 128 7.64 61.63 -11.05
C VAL B 128 8.34 60.53 -10.25
N ASN B 129 9.61 60.73 -9.95
CA ASN B 129 10.37 59.77 -9.17
C ASN B 129 9.55 59.23 -8.00
N VAL B 130 8.96 58.05 -8.19
CA VAL B 130 8.12 57.43 -7.17
C VAL B 130 8.93 56.70 -6.10
N LYS B 131 8.26 55.86 -5.35
CA LYS B 131 8.90 55.10 -4.28
C LYS B 131 7.93 53.99 -3.84
N LEU B 132 7.38 53.29 -4.83
CA LEU B 132 6.41 52.23 -4.57
C LEU B 132 7.01 50.95 -4.01
N TRP B 133 6.14 50.13 -3.43
CA TRP B 133 6.51 48.84 -2.83
C TRP B 133 5.95 47.71 -3.70
N ALA B 134 6.60 46.55 -3.66
CA ALA B 134 6.13 45.44 -4.45
C ALA B 134 6.20 44.11 -3.71
N ILE B 135 5.42 43.15 -4.21
CA ILE B 135 5.36 41.80 -3.66
C ILE B 135 5.06 40.88 -4.85
N ASP B 136 5.78 39.78 -4.97
CA ASP B 136 5.58 38.89 -6.11
C ASP B 136 4.29 38.08 -6.09
N ARG B 137 3.92 37.59 -7.27
CA ARG B 137 2.71 36.81 -7.47
C ARG B 137 2.58 35.68 -6.47
N GLN B 138 3.71 35.08 -6.11
CA GLN B 138 3.69 33.95 -5.19
C GLN B 138 3.55 34.28 -3.71
N CYS B 139 4.34 35.21 -3.17
CA CYS B 139 4.20 35.51 -1.75
C CYS B 139 2.75 35.95 -1.48
N PHE B 140 2.21 36.77 -2.39
CA PHE B 140 0.84 37.29 -2.30
C PHE B 140 -0.18 36.15 -2.41
N GLN B 141 -0.03 35.36 -3.46
CA GLN B 141 -0.92 34.22 -3.73
C GLN B 141 -1.09 33.35 -2.48
N THR B 142 0.04 33.03 -1.84
CA THR B 142 0.06 32.20 -0.65
C THR B 142 -0.63 32.85 0.54
N ILE B 143 -0.08 33.97 0.99
CA ILE B 143 -0.63 34.70 2.11
C ILE B 143 -2.16 34.80 2.01
N MET B 144 -2.66 35.10 0.82
CA MET B 144 -4.10 35.23 0.59
C MET B 144 -4.90 33.98 0.91
N MET B 145 -4.50 32.87 0.30
CA MET B 145 -5.19 31.59 0.49
C MET B 145 -5.02 30.95 1.85
N ARG B 146 -4.28 31.63 2.72
CA ARG B 146 -4.04 31.11 4.07
C ARG B 146 -5.35 31.16 4.85
N THR B 147 -6.37 31.81 4.30
CA THR B 147 -7.67 31.91 4.95
C THR B 147 -8.24 30.51 5.09
N GLY B 148 -8.02 29.69 4.07
CA GLY B 148 -8.51 28.32 4.07
C GLY B 148 -7.94 27.49 5.20
N LEU B 149 -6.61 27.45 5.31
CA LEU B 149 -5.97 26.67 6.37
C LEU B 149 -6.38 27.19 7.73
N ILE B 150 -6.51 28.51 7.86
CA ILE B 150 -6.89 29.11 9.12
C ILE B 150 -8.28 28.68 9.56
N LYS B 151 -9.23 28.68 8.65
CA LYS B 151 -10.58 28.28 9.00
C LYS B 151 -10.64 26.79 9.33
N HIS B 152 -9.87 26.00 8.59
CA HIS B 152 -9.82 24.56 8.80
C HIS B 152 -9.43 24.29 10.24
N THR B 153 -8.36 24.94 10.67
CA THR B 153 -7.85 24.82 12.03
C THR B 153 -8.97 25.13 13.01
N GLU B 154 -9.51 26.34 12.92
CA GLU B 154 -10.60 26.74 13.79
C GLU B 154 -11.70 25.67 13.83
N TYR B 155 -12.15 25.24 12.66
CA TYR B 155 -13.19 24.23 12.55
C TYR B 155 -12.75 22.94 13.22
N MET B 156 -11.51 22.57 12.94
CA MET B 156 -10.90 21.39 13.49
C MET B 156 -10.86 21.50 15.02
N GLU B 157 -10.33 22.61 15.51
CA GLU B 157 -10.25 22.82 16.95
C GLU B 157 -11.66 22.72 17.54
N PHE B 158 -12.61 23.43 16.95
CA PHE B 158 -13.97 23.41 17.46
C PHE B 158 -14.59 22.03 17.58
N LEU B 159 -14.41 21.18 16.58
CA LEU B 159 -14.99 19.85 16.63
C LEU B 159 -14.33 18.98 17.71
N LYS B 160 -13.02 19.10 17.83
CA LYS B 160 -12.31 18.31 18.83
C LYS B 160 -12.71 18.68 20.25
N SER B 161 -13.28 19.87 20.42
CA SER B 161 -13.69 20.34 21.73
C SER B 161 -15.11 19.96 22.09
N VAL B 162 -15.70 19.07 21.28
CA VAL B 162 -17.06 18.58 21.51
C VAL B 162 -16.87 17.08 21.51
N PRO B 163 -16.99 16.46 22.69
CA PRO B 163 -16.82 15.01 22.89
C PRO B 163 -17.36 14.10 21.80
N THR B 164 -18.62 14.31 21.41
CA THR B 164 -19.22 13.45 20.40
C THR B 164 -18.52 13.48 19.04
N PHE B 165 -17.79 14.55 18.75
CA PHE B 165 -17.09 14.66 17.48
C PHE B 165 -15.61 14.40 17.69
N GLN B 166 -15.18 14.60 18.93
CA GLN B 166 -13.78 14.40 19.28
C GLN B 166 -13.40 12.92 19.07
N SER B 167 -14.32 12.04 19.42
CA SER B 167 -14.09 10.61 19.29
C SER B 167 -14.00 10.15 17.83
N LEU B 168 -14.54 10.93 16.90
CA LEU B 168 -14.50 10.56 15.50
C LEU B 168 -13.04 10.47 15.07
N PRO B 169 -12.74 9.61 14.08
CA PRO B 169 -11.38 9.43 13.56
C PRO B 169 -10.86 10.77 13.07
N GLU B 170 -9.55 10.88 12.88
CA GLU B 170 -8.99 12.13 12.43
C GLU B 170 -9.30 12.49 10.97
N GLU B 171 -9.34 11.47 10.11
CA GLU B 171 -9.61 11.71 8.69
C GLU B 171 -10.99 12.31 8.47
N ILE B 172 -11.99 11.79 9.18
CA ILE B 172 -13.36 12.30 9.05
C ILE B 172 -13.47 13.74 9.55
N LEU B 173 -12.83 14.03 10.68
CA LEU B 173 -12.90 15.37 11.21
C LEU B 173 -12.21 16.36 10.28
N SER B 174 -11.11 15.93 9.70
CA SER B 174 -10.38 16.82 8.80
C SER B 174 -11.09 17.02 7.46
N LYS B 175 -11.70 15.96 6.94
CA LYS B 175 -12.41 16.08 5.66
C LYS B 175 -13.62 16.96 5.93
N LEU B 176 -14.22 16.77 7.09
CA LEU B 176 -15.39 17.53 7.51
C LEU B 176 -15.07 19.02 7.58
N ALA B 177 -13.92 19.37 8.13
CA ALA B 177 -13.53 20.77 8.24
C ALA B 177 -13.28 21.43 6.88
N ASP B 178 -13.06 20.63 5.84
CA ASP B 178 -12.81 21.16 4.50
C ASP B 178 -14.08 21.52 3.75
N VAL B 179 -15.22 21.00 4.21
CA VAL B 179 -16.48 21.24 3.52
C VAL B 179 -17.53 21.99 4.34
N LEU B 180 -17.44 21.88 5.66
CA LEU B 180 -18.40 22.55 6.53
C LEU B 180 -18.42 24.05 6.28
N GLU B 181 -19.64 24.59 6.23
CA GLU B 181 -19.83 26.02 6.02
C GLU B 181 -20.40 26.63 7.29
N GLU B 182 -19.98 27.87 7.55
CA GLU B 182 -20.42 28.60 8.74
C GLU B 182 -21.56 29.51 8.34
N THR B 183 -22.74 29.31 8.92
CA THR B 183 -23.87 30.16 8.55
C THR B 183 -24.49 30.80 9.81
N HIS B 184 -25.17 31.94 9.63
CA HIS B 184 -25.74 32.67 10.77
C HIS B 184 -27.23 33.02 10.73
N TYR B 185 -27.85 32.99 11.90
CA TYR B 185 -29.25 33.30 12.02
C TYR B 185 -29.38 34.29 13.15
N GLU B 186 -30.52 34.94 13.22
CA GLU B 186 -30.75 35.93 14.26
C GLU B 186 -31.94 35.59 15.11
N ASN B 187 -31.86 36.01 16.37
CA ASN B 187 -32.91 35.78 17.34
C ASN B 187 -34.29 35.69 16.67
N GLY B 188 -34.95 34.54 16.81
CA GLY B 188 -36.26 34.38 16.21
C GLY B 188 -36.37 33.77 14.82
N GLU B 189 -35.29 33.70 14.06
CA GLU B 189 -35.33 33.12 12.71
C GLU B 189 -35.54 31.61 12.70
N TYR B 190 -36.33 31.12 11.75
CA TYR B 190 -36.53 29.68 11.60
C TYR B 190 -35.35 29.13 10.79
N ILE B 191 -34.63 28.17 11.35
CA ILE B 191 -33.48 27.56 10.68
C ILE B 191 -34.02 26.37 9.90
N ILE B 192 -34.97 25.68 10.52
CA ILE B 192 -35.63 24.54 9.93
C ILE B 192 -37.10 24.82 10.17
N ARG B 193 -37.92 24.57 9.15
CA ARG B 193 -39.35 24.77 9.28
C ARG B 193 -39.98 23.39 9.17
N GLN B 194 -40.85 23.05 10.12
CA GLN B 194 -41.48 21.75 10.09
C GLN B 194 -42.10 21.43 8.74
N GLY B 195 -41.96 20.18 8.31
CA GLY B 195 -42.55 19.75 7.06
C GLY B 195 -41.85 20.14 5.78
N ALA B 196 -40.72 20.82 5.85
CA ALA B 196 -39.98 21.22 4.66
C ALA B 196 -39.04 20.10 4.17
N ARG B 197 -38.28 20.36 3.13
CA ARG B 197 -37.35 19.37 2.61
C ARG B 197 -35.95 19.83 2.91
N GLY B 198 -35.31 19.12 3.83
CA GLY B 198 -33.95 19.48 4.21
C GLY B 198 -32.90 18.63 3.56
N ASP B 199 -31.73 19.23 3.32
CA ASP B 199 -30.61 18.55 2.73
C ASP B 199 -29.40 18.82 3.64
N THR B 200 -29.62 19.61 4.68
CA THR B 200 -28.52 19.97 5.56
C THR B 200 -28.62 19.52 7.01
N PHE B 201 -27.44 19.31 7.59
CA PHE B 201 -27.25 18.89 8.99
C PHE B 201 -26.51 20.05 9.68
N PHE B 202 -27.02 20.52 10.81
CA PHE B 202 -26.40 21.63 11.51
C PHE B 202 -25.73 21.32 12.86
N ILE B 203 -24.55 21.89 13.06
CA ILE B 203 -23.79 21.75 14.31
C ILE B 203 -23.69 23.17 14.92
N ILE B 204 -24.22 23.38 16.13
CA ILE B 204 -24.19 24.71 16.74
C ILE B 204 -22.86 25.14 17.35
N SER B 205 -22.26 26.20 16.81
CA SER B 205 -20.99 26.70 17.31
C SER B 205 -21.17 27.97 18.15
N LYS B 206 -22.40 28.45 18.22
CA LYS B 206 -22.70 29.65 18.98
C LYS B 206 -24.19 29.89 19.07
N GLY B 207 -24.68 30.17 20.28
CA GLY B 207 -26.08 30.44 20.50
C GLY B 207 -26.90 29.28 21.01
N LYS B 208 -28.21 29.47 21.02
CA LYS B 208 -29.16 28.46 21.46
C LYS B 208 -30.30 28.44 20.44
N VAL B 209 -31.05 27.35 20.41
CA VAL B 209 -32.20 27.24 19.50
C VAL B 209 -33.28 26.48 20.26
N ASN B 210 -34.53 26.66 19.88
CA ASN B 210 -35.63 25.95 20.51
C ASN B 210 -36.23 25.05 19.45
N VAL B 211 -36.60 23.84 19.82
CA VAL B 211 -37.18 22.91 18.87
C VAL B 211 -38.63 22.63 19.22
N THR B 212 -39.53 23.06 18.35
CA THR B 212 -40.94 22.86 18.57
C THR B 212 -41.49 21.96 17.48
N ARG B 213 -42.63 21.34 17.78
CA ARG B 213 -43.26 20.42 16.84
C ARG B 213 -44.76 20.67 16.78
N GLU B 214 -45.25 20.97 15.58
CA GLU B 214 -46.67 21.23 15.39
C GLU B 214 -47.43 19.93 15.55
N ASP B 215 -48.13 19.78 16.68
CA ASP B 215 -48.92 18.58 16.94
C ASP B 215 -50.35 18.87 16.48
N SER B 216 -50.72 18.29 15.34
CA SER B 216 -52.05 18.48 14.79
C SER B 216 -52.12 19.89 14.19
N PRO B 217 -53.22 20.20 13.48
CA PRO B 217 -53.39 21.52 12.88
C PRO B 217 -53.74 22.59 13.91
N ASN B 218 -53.69 23.86 13.47
CA ASN B 218 -54.01 25.01 14.32
C ASN B 218 -53.81 24.73 15.81
N GLU B 219 -52.65 24.19 16.16
CA GLU B 219 -52.32 23.88 17.56
C GLU B 219 -50.98 24.51 17.93
N ASP B 220 -50.88 24.99 19.17
CA ASP B 220 -49.65 25.61 19.66
C ASP B 220 -48.49 24.63 19.50
N PRO B 221 -47.50 24.96 18.65
CA PRO B 221 -46.36 24.06 18.45
C PRO B 221 -45.79 23.66 19.81
N VAL B 222 -45.67 22.36 20.03
CA VAL B 222 -45.17 21.83 21.29
C VAL B 222 -43.66 21.86 21.44
N PHE B 223 -43.20 22.40 22.57
CA PHE B 223 -41.78 22.51 22.86
C PHE B 223 -41.17 21.12 23.03
N LEU B 224 -40.03 20.88 22.41
CA LEU B 224 -39.39 19.58 22.54
C LEU B 224 -38.10 19.69 23.33
N ARG B 225 -37.28 20.68 23.01
CA ARG B 225 -36.02 20.83 23.71
C ARG B 225 -35.25 22.04 23.18
N THR B 226 -34.21 22.43 23.92
CA THR B 226 -33.37 23.54 23.51
C THR B 226 -32.00 22.94 23.29
N LEU B 227 -31.32 23.41 22.24
CA LEU B 227 -29.99 22.94 21.91
C LEU B 227 -29.03 24.13 22.00
N GLY B 228 -27.77 23.87 22.29
CA GLY B 228 -26.82 24.97 22.41
C GLY B 228 -25.49 24.60 21.80
N LYS B 229 -24.48 25.44 22.02
CA LYS B 229 -23.15 25.22 21.49
C LYS B 229 -22.77 23.76 21.69
N GLY B 230 -22.37 23.10 20.62
CA GLY B 230 -22.01 21.70 20.74
C GLY B 230 -23.10 20.77 20.25
N ASP B 231 -24.36 21.11 20.52
CA ASP B 231 -25.46 20.27 20.07
C ASP B 231 -25.57 20.32 18.54
N TRP B 232 -26.50 19.55 17.99
CA TRP B 232 -26.68 19.47 16.54
C TRP B 232 -28.12 19.10 16.19
N PHE B 233 -28.50 19.29 14.94
CA PHE B 233 -29.87 18.95 14.53
C PHE B 233 -30.01 18.75 13.02
N GLY B 234 -30.99 17.93 12.64
CA GLY B 234 -31.22 17.65 11.24
C GLY B 234 -30.39 16.51 10.68
N GLU B 235 -30.02 15.55 11.51
CA GLU B 235 -29.20 14.43 11.05
C GLU B 235 -29.93 13.59 10.00
N LYS B 236 -31.21 13.37 10.24
CA LYS B 236 -32.03 12.56 9.35
C LYS B 236 -31.79 12.89 7.90
N ALA B 237 -31.63 14.17 7.60
CA ALA B 237 -31.39 14.58 6.23
C ALA B 237 -30.18 13.91 5.62
N LEU B 238 -29.17 13.62 6.44
CA LEU B 238 -27.96 12.98 5.91
C LEU B 238 -28.26 11.54 5.54
N GLN B 239 -29.35 10.99 6.07
CA GLN B 239 -29.74 9.62 5.76
C GLN B 239 -30.77 9.62 4.63
N GLY B 240 -31.07 10.79 4.11
CA GLY B 240 -32.03 10.88 3.04
C GLY B 240 -33.42 11.30 3.44
N GLU B 241 -33.65 11.54 4.73
CA GLU B 241 -34.97 11.97 5.20
C GLU B 241 -35.42 13.13 4.32
N ASP B 242 -36.59 13.02 3.72
CA ASP B 242 -37.05 14.10 2.86
C ASP B 242 -37.65 15.29 3.62
N VAL B 243 -38.56 15.02 4.56
CA VAL B 243 -39.19 16.11 5.29
C VAL B 243 -38.85 16.24 6.75
N ARG B 244 -38.57 17.47 7.15
CA ARG B 244 -38.19 17.78 8.52
C ARG B 244 -39.40 17.65 9.41
N THR B 245 -39.19 17.00 10.55
CA THR B 245 -40.26 16.75 11.50
C THR B 245 -40.48 17.79 12.57
N ALA B 246 -39.69 18.87 12.58
CA ALA B 246 -39.89 19.86 13.62
C ALA B 246 -39.28 21.22 13.31
N ASN B 247 -39.78 22.25 13.98
CA ASN B 247 -39.24 23.58 13.77
C ASN B 247 -37.98 23.77 14.62
N VAL B 248 -37.03 24.52 14.10
CA VAL B 248 -35.83 24.80 14.86
C VAL B 248 -35.58 26.29 14.70
N ILE B 249 -36.05 27.02 15.71
CA ILE B 249 -35.97 28.47 15.78
C ILE B 249 -34.81 28.99 16.66
N ALA B 250 -34.03 29.91 16.12
CA ALA B 250 -32.94 30.50 16.88
C ALA B 250 -33.53 31.30 18.05
N ALA B 251 -32.93 31.16 19.22
CA ALA B 251 -33.42 31.87 20.41
C ALA B 251 -32.50 33.03 20.77
N GLU B 252 -31.65 33.39 19.82
CA GLU B 252 -30.70 34.49 19.99
C GLU B 252 -29.75 34.37 18.81
N ALA B 253 -28.73 35.22 18.73
CA ALA B 253 -27.78 35.14 17.64
C ALA B 253 -27.24 33.70 17.57
N VAL B 254 -27.20 33.12 16.36
CA VAL B 254 -26.72 31.75 16.19
C VAL B 254 -25.77 31.55 15.01
N THR B 255 -24.72 30.77 15.23
CA THR B 255 -23.78 30.43 14.17
C THR B 255 -23.75 28.89 14.13
N CYS B 256 -23.88 28.32 12.93
CA CYS B 256 -23.85 26.86 12.75
C CYS B 256 -22.85 26.43 11.70
N LEU B 257 -22.30 25.23 11.89
CA LEU B 257 -21.41 24.64 10.91
C LEU B 257 -22.42 23.77 10.19
N VAL B 258 -22.41 23.81 8.86
CA VAL B 258 -23.39 23.06 8.08
C VAL B 258 -22.78 22.21 6.99
N ILE B 259 -23.43 21.08 6.73
CA ILE B 259 -22.98 20.20 5.67
C ILE B 259 -24.20 19.54 5.04
N ASP B 260 -24.19 19.39 3.72
CA ASP B 260 -25.33 18.79 3.01
C ASP B 260 -25.21 17.29 2.77
N ARG B 261 -26.34 16.60 2.77
CA ARG B 261 -26.41 15.16 2.57
C ARG B 261 -25.46 14.58 1.53
N ASP B 262 -25.48 15.12 0.33
CA ASP B 262 -24.64 14.57 -0.71
C ASP B 262 -23.18 14.86 -0.52
N SER B 263 -22.86 15.90 0.23
CA SER B 263 -21.46 16.17 0.45
C SER B 263 -21.00 15.21 1.54
N PHE B 264 -21.92 14.91 2.47
CA PHE B 264 -21.61 13.99 3.55
C PHE B 264 -21.32 12.62 2.96
N LYS B 265 -22.27 12.10 2.18
CA LYS B 265 -22.14 10.79 1.55
C LYS B 265 -20.91 10.72 0.65
N HIS B 266 -20.56 11.82 -0.01
CA HIS B 266 -19.36 11.83 -0.85
C HIS B 266 -18.12 11.71 0.05
N LEU B 267 -18.17 12.40 1.18
CA LEU B 267 -17.07 12.41 2.14
C LEU B 267 -16.81 10.99 2.62
N ILE B 268 -17.79 10.45 3.34
CA ILE B 268 -17.71 9.11 3.86
C ILE B 268 -17.12 8.13 2.82
N GLY B 269 -17.78 8.03 1.67
CA GLY B 269 -17.37 7.13 0.60
C GLY B 269 -15.94 7.19 0.10
N GLY B 270 -15.20 8.22 0.49
CA GLY B 270 -13.83 8.32 0.02
C GLY B 270 -12.80 8.21 1.13
N LEU B 271 -13.24 7.83 2.34
CA LEU B 271 -12.32 7.71 3.46
C LEU B 271 -11.26 6.63 3.26
N ASP B 272 -9.99 7.01 3.36
CA ASP B 272 -8.91 6.04 3.22
C ASP B 272 -8.98 5.01 4.35
N ASP B 273 -9.48 5.46 5.52
CA ASP B 273 -9.63 4.58 6.68
C ASP B 273 -10.78 3.60 6.45
N VAL B 274 -11.48 3.76 5.34
CA VAL B 274 -12.60 2.90 5.00
C VAL B 274 -12.19 1.84 3.97
N SER B 275 -11.23 2.19 3.13
CA SER B 275 -10.75 1.24 2.12
C SER B 275 -9.72 0.32 2.76
N ASN B 276 -8.93 0.85 3.69
CA ASN B 276 -7.92 0.06 4.39
C ASN B 276 -8.60 -1.00 5.26
N LYS B 277 -9.69 -0.62 5.91
CA LYS B 277 -10.44 -1.55 6.76
C LYS B 277 -11.28 -2.48 5.88
N ALA B 278 -11.44 -2.10 4.62
CA ALA B 278 -12.20 -2.92 3.69
C ALA B 278 -11.31 -4.05 3.19
N TYR B 279 -10.08 -3.70 2.80
CA TYR B 279 -9.14 -4.70 2.29
C TYR B 279 -8.79 -5.72 3.36
N GLU B 280 -8.51 -5.23 4.57
CA GLU B 280 -8.18 -6.12 5.67
C GLU B 280 -9.33 -7.06 5.94
N ASP B 281 -10.55 -6.53 6.01
CA ASP B 281 -11.70 -7.37 6.25
C ASP B 281 -11.86 -8.37 5.10
N ALA B 282 -11.39 -7.97 3.92
CA ALA B 282 -11.49 -8.82 2.73
C ALA B 282 -10.44 -9.93 2.72
N GLU B 283 -9.22 -9.60 3.12
CA GLU B 283 -8.12 -10.55 3.15
C GLU B 283 -8.27 -11.54 4.31
N ALA B 284 -9.08 -11.18 5.29
CA ALA B 284 -9.31 -12.04 6.45
C ALA B 284 -10.41 -13.04 6.15
N LYS B 285 -11.33 -12.66 5.27
CA LYS B 285 -12.43 -13.55 4.90
C LYS B 285 -11.85 -14.57 3.93
N ALA B 286 -10.89 -14.11 3.14
CA ALA B 286 -10.23 -14.94 2.15
C ALA B 286 -9.47 -16.08 2.83
N LYS B 287 -8.68 -15.75 3.85
CA LYS B 287 -7.91 -16.74 4.59
C LYS B 287 -8.83 -17.73 5.30
N TYR B 288 -9.92 -17.21 5.86
CA TYR B 288 -10.89 -18.05 6.55
C TYR B 288 -11.58 -18.97 5.54
N GLU B 289 -12.25 -18.38 4.56
CA GLU B 289 -12.96 -19.15 3.55
C GLU B 289 -12.09 -20.24 2.96
N ALA B 290 -10.79 -19.95 2.82
CA ALA B 290 -9.84 -20.91 2.27
C ALA B 290 -9.63 -22.13 3.16
N GLU B 291 -9.49 -21.89 4.45
CA GLU B 291 -9.28 -22.97 5.39
C GLU B 291 -10.49 -23.89 5.47
N ALA B 292 -11.67 -23.31 5.67
CA ALA B 292 -12.89 -24.09 5.75
C ALA B 292 -13.08 -24.91 4.48
N ALA B 293 -12.63 -24.37 3.36
CA ALA B 293 -12.74 -25.05 2.08
C ALA B 293 -11.88 -26.32 2.07
N PHE B 294 -10.77 -26.26 2.80
CA PHE B 294 -9.85 -27.38 2.89
C PHE B 294 -10.47 -28.52 3.70
N PHE B 295 -10.87 -28.23 4.93
CA PHE B 295 -11.46 -29.23 5.80
C PHE B 295 -12.85 -29.69 5.37
N ALA B 296 -13.50 -28.90 4.54
CA ALA B 296 -14.82 -29.26 4.05
C ALA B 296 -14.64 -30.28 2.95
N ASN B 297 -13.44 -30.28 2.37
CA ASN B 297 -13.11 -31.19 1.28
C ASN B 297 -12.74 -32.62 1.72
N LEU B 298 -12.25 -32.77 2.94
CA LEU B 298 -11.88 -34.09 3.42
C LEU B 298 -13.13 -34.96 3.59
N LYS B 299 -13.95 -34.66 4.61
CA LYS B 299 -15.20 -35.40 4.83
C LYS B 299 -15.87 -34.96 6.14
#